data_2VMC
#
_entry.id   2VMC
#
_cell.length_a   82.520
_cell.length_b   82.520
_cell.length_c   261.600
_cell.angle_alpha   90.00
_cell.angle_beta   90.00
_cell.angle_gamma   120.00
#
_symmetry.space_group_name_H-M   'H 3 2'
#
loop_
_entity.id
_entity.type
_entity.pdbx_description
1 polymer DISCOIDIN-2
2 non-polymer 'CHLORIDE ION'
3 non-polymer 'CALCIUM ION'
4 non-polymer 2-acetamido-2-deoxy-alpha-D-galactopyranose
5 non-polymer 2-acetamido-2-deoxy-beta-D-galactopyranose
6 non-polymer 2-(2-{2-[2-(2-METHOXY-ETHOXY)-ETHOXY]-ETHOXY}-ETHOXY)-ETHANOL
7 non-polymer 1,2-ETHANEDIOL
8 water water
#
_entity_poly.entity_id   1
_entity_poly.type   'polypeptide(L)'
_entity_poly.pdbx_seq_one_letter_code
;MSVPAGSVSCLANALLNLRSSTDYNADHGVKNSILNFSNSKDASRFDGSESWSSSVLDKNQFIVAGSDSVKHFVAISTQG
RGDHDQWVTSYKLRYTLDNVNWVEYNNGEIINANKDRNSIVTINFNPPIKARSIAIHPQTYNNHISLRWELYALPVKSYS
NPSVQVGEVSIGDRSLNSGTGSRTIVRHVKFPVEFLSVPIVSIGCKKVDAHTDNGQMRWEGKSENITTKGFDLTFITWGN
NAVYDLTFDYVAVEFNN
;
_entity_poly.pdbx_strand_id   A
#
# COMPACT_ATOMS: atom_id res chain seq x y z
N GLY A 6 -1.63 -13.77 8.33
N GLY A 6 -1.71 -14.00 8.03
CA GLY A 6 -1.04 -12.47 7.87
CA GLY A 6 -1.47 -12.54 8.10
C GLY A 6 -1.24 -12.16 6.41
C GLY A 6 -1.68 -11.83 6.77
N SER A 7 -2.43 -12.46 5.87
CA SER A 7 -2.83 -11.83 4.60
C SER A 7 -4.03 -10.91 4.90
N VAL A 8 -4.31 -9.99 4.00
CA VAL A 8 -5.42 -9.06 4.18
C VAL A 8 -6.62 -9.55 3.37
N SER A 9 -7.78 -9.70 4.02
N SER A 9 -7.78 -9.71 4.02
CA SER A 9 -9.06 -9.95 3.33
CA SER A 9 -9.05 -9.95 3.30
C SER A 9 -9.62 -8.62 2.79
C SER A 9 -9.61 -8.62 2.78
N CYS A 10 -9.45 -8.40 1.49
CA CYS A 10 -9.71 -7.08 0.86
C CYS A 10 -11.15 -6.60 0.94
N LEU A 11 -12.09 -7.44 0.48
CA LEU A 11 -13.51 -7.10 0.54
C LEU A 11 -14.01 -6.95 1.98
N ALA A 12 -13.58 -7.86 2.86
CA ALA A 12 -14.00 -7.81 4.27
C ALA A 12 -13.64 -6.47 4.93
N ASN A 13 -12.50 -5.91 4.53
CA ASN A 13 -11.97 -4.66 5.05
C ASN A 13 -12.44 -3.42 4.26
N ALA A 14 -13.32 -3.63 3.28
CA ALA A 14 -13.83 -2.55 2.42
C ALA A 14 -12.68 -1.79 1.70
N LEU A 15 -11.71 -2.54 1.18
CA LEU A 15 -10.54 -1.90 0.57
C LEU A 15 -10.63 -1.66 -0.94
N LEU A 16 -11.57 -2.32 -1.63
CA LEU A 16 -11.68 -2.25 -3.08
C LEU A 16 -13.06 -1.81 -3.53
N ASN A 17 -13.11 -0.96 -4.57
CA ASN A 17 -14.34 -0.68 -5.31
C ASN A 17 -14.67 -1.88 -6.20
N LEU A 18 -15.95 -2.26 -6.28
CA LEU A 18 -16.36 -3.35 -7.17
C LEU A 18 -17.27 -2.85 -8.28
N ARG A 19 -17.16 -3.45 -9.46
CA ARG A 19 -18.01 -3.13 -10.61
C ARG A 19 -18.28 -4.35 -11.49
N SER A 20 -19.56 -4.75 -11.55
CA SER A 20 -19.99 -5.87 -12.39
C SER A 20 -20.35 -5.39 -13.79
N SER A 21 -20.28 -6.32 -14.75
CA SER A 21 -20.72 -6.13 -16.13
C SER A 21 -22.24 -5.86 -16.17
N THR A 22 -23.01 -6.78 -15.56
CA THR A 22 -24.48 -6.65 -15.42
C THR A 22 -24.88 -7.27 -14.07
N ASP A 23 -26.07 -6.90 -13.57
CA ASP A 23 -26.64 -7.47 -12.34
C ASP A 23 -28.04 -7.93 -12.69
N TYR A 24 -28.43 -9.09 -12.16
CA TYR A 24 -29.79 -9.57 -12.36
C TYR A 24 -30.79 -8.48 -11.96
N ASN A 25 -30.52 -7.88 -10.80
CA ASN A 25 -31.05 -6.58 -10.38
C ASN A 25 -30.20 -6.12 -9.17
N ALA A 26 -30.57 -5.00 -8.54
CA ALA A 26 -29.77 -4.43 -7.45
C ALA A 26 -29.73 -5.37 -6.25
N ASP A 27 -30.79 -6.17 -6.10
CA ASP A 27 -30.85 -7.20 -5.05
C ASP A 27 -29.93 -8.42 -5.28
N HIS A 28 -29.28 -8.44 -6.45
CA HIS A 28 -28.24 -9.42 -6.77
C HIS A 28 -26.87 -8.74 -7.08
N GLY A 29 -26.63 -7.54 -6.57
CA GLY A 29 -25.44 -6.80 -7.01
C GLY A 29 -24.16 -7.23 -6.30
N VAL A 30 -23.04 -6.62 -6.69
CA VAL A 30 -21.70 -6.96 -6.12
C VAL A 30 -21.62 -6.76 -4.58
N LYS A 31 -22.49 -5.90 -4.06
CA LYS A 31 -22.53 -5.64 -2.62
C LYS A 31 -22.88 -6.94 -1.87
N ASN A 32 -23.46 -7.93 -2.58
CA ASN A 32 -23.81 -9.22 -1.93
C ASN A 32 -22.79 -10.33 -2.18
N SER A 33 -21.59 -9.94 -2.61
CA SER A 33 -20.66 -10.96 -3.17
C SER A 33 -19.55 -11.44 -2.23
N ILE A 34 -19.43 -10.87 -1.03
CA ILE A 34 -18.30 -11.29 -0.20
C ILE A 34 -18.42 -12.79 0.17
N LEU A 35 -17.27 -13.47 0.21
CA LEU A 35 -17.18 -14.88 0.69
C LEU A 35 -18.00 -15.08 1.97
N ASN A 36 -18.79 -16.15 2.03
CA ASN A 36 -19.64 -16.50 3.20
C ASN A 36 -20.78 -15.52 3.49
N PHE A 37 -21.05 -14.60 2.56
CA PHE A 37 -22.20 -13.70 2.71
C PHE A 37 -23.49 -14.50 2.99
N SER A 38 -24.25 -14.02 3.98
CA SER A 38 -25.51 -14.66 4.29
CA SER A 38 -25.46 -14.70 4.44
C SER A 38 -26.42 -13.64 4.95
N ASN A 39 -27.71 -13.76 4.63
CA ASN A 39 -28.68 -12.83 5.18
C ASN A 39 -29.87 -13.52 5.92
N SER A 40 -31.01 -12.85 6.05
CA SER A 40 -32.15 -13.46 6.74
C SER A 40 -32.59 -14.76 6.03
N LYS A 41 -32.77 -15.83 6.79
CA LYS A 41 -33.29 -17.07 6.22
C LYS A 41 -34.83 -17.06 6.23
N ASP A 42 -35.43 -15.88 6.21
CA ASP A 42 -36.87 -15.76 6.02
C ASP A 42 -37.28 -16.00 4.56
N ALA A 43 -38.11 -17.01 4.32
CA ALA A 43 -38.51 -17.35 2.97
C ALA A 43 -39.66 -16.48 2.45
N SER A 44 -40.31 -15.75 3.34
CA SER A 44 -41.49 -14.96 2.97
C SER A 44 -41.18 -13.52 2.52
N ARG A 45 -39.92 -13.11 2.63
CA ARG A 45 -39.52 -11.76 2.25
C ARG A 45 -38.11 -11.86 1.70
N PHE A 46 -37.92 -11.41 0.46
CA PHE A 46 -36.62 -11.47 -0.21
C PHE A 46 -35.76 -10.25 0.16
N ASP A 47 -34.57 -10.52 0.68
CA ASP A 47 -33.63 -9.48 1.10
C ASP A 47 -32.38 -9.42 0.22
N GLY A 48 -32.41 -10.13 -0.90
CA GLY A 48 -31.29 -10.15 -1.85
C GLY A 48 -30.66 -11.54 -1.93
N SER A 49 -30.03 -11.85 -3.07
CA SER A 49 -29.31 -13.11 -3.24
C SER A 49 -28.04 -13.15 -2.36
N GLU A 50 -27.68 -14.35 -1.90
CA GLU A 50 -26.37 -14.56 -1.22
C GLU A 50 -25.30 -14.80 -2.27
N SER A 51 -25.10 -13.77 -3.12
CA SER A 51 -24.20 -13.78 -4.28
C SER A 51 -24.36 -12.45 -5.05
N TRP A 52 -23.32 -12.11 -5.83
CA TRP A 52 -23.54 -11.37 -7.08
C TRP A 52 -24.14 -12.35 -8.10
N SER A 53 -25.15 -11.92 -8.84
CA SER A 53 -25.63 -12.71 -10.00
C SER A 53 -25.74 -11.78 -11.20
N SER A 54 -25.28 -12.22 -12.37
CA SER A 54 -25.30 -11.37 -13.56
C SER A 54 -26.74 -11.28 -14.08
N SER A 55 -26.98 -10.37 -15.03
CA SER A 55 -28.23 -10.39 -15.78
C SER A 55 -28.13 -11.21 -17.08
N VAL A 56 -27.14 -10.87 -17.89
CA VAL A 56 -26.88 -11.58 -19.16
C VAL A 56 -26.11 -12.88 -18.85
N LEU A 57 -26.52 -14.00 -19.45
CA LEU A 57 -25.77 -15.26 -19.35
C LEU A 57 -24.97 -15.52 -20.64
N ASP A 58 -23.68 -15.28 -20.57
CA ASP A 58 -22.75 -15.55 -21.67
C ASP A 58 -21.33 -15.63 -21.09
N LYS A 59 -20.31 -15.68 -21.95
CA LYS A 59 -18.92 -15.81 -21.49
C LYS A 59 -18.21 -14.46 -21.28
N ASN A 60 -18.99 -13.38 -21.27
CA ASN A 60 -18.51 -11.97 -21.25
C ASN A 60 -18.76 -11.19 -19.94
N GLN A 61 -19.25 -11.87 -18.91
CA GLN A 61 -19.58 -11.20 -17.64
C GLN A 61 -18.32 -11.18 -16.74
N PHE A 62 -18.31 -10.29 -15.76
CA PHE A 62 -17.16 -10.11 -14.89
C PHE A 62 -17.53 -9.26 -13.69
N ILE A 63 -16.64 -9.29 -12.68
CA ILE A 63 -16.55 -8.21 -11.69
C ILE A 63 -15.11 -7.69 -11.72
N VAL A 64 -14.96 -6.37 -11.81
CA VAL A 64 -13.65 -5.71 -11.62
C VAL A 64 -13.56 -5.22 -10.17
N ALA A 65 -12.41 -5.45 -9.53
CA ALA A 65 -12.13 -4.93 -8.19
C ALA A 65 -10.91 -4.03 -8.32
N GLY A 66 -11.00 -2.80 -7.81
CA GLY A 66 -9.89 -1.86 -7.97
C GLY A 66 -9.73 -0.88 -6.84
N SER A 67 -8.56 -0.25 -6.78
CA SER A 67 -8.27 0.94 -5.99
C SER A 67 -6.92 1.49 -6.50
N ASP A 68 -6.56 2.69 -6.06
CA ASP A 68 -5.31 3.37 -6.46
C ASP A 68 -4.02 2.69 -6.05
N SER A 69 -4.04 1.94 -4.95
CA SER A 69 -2.79 1.37 -4.42
C SER A 69 -2.31 0.13 -5.20
N VAL A 70 -1.00 -0.02 -5.26
CA VAL A 70 -0.42 -1.22 -5.87
C VAL A 70 -0.54 -2.36 -4.86
N LYS A 71 -1.34 -3.36 -5.21
CA LYS A 71 -1.55 -4.49 -4.33
C LYS A 71 -0.73 -5.70 -4.80
N HIS A 72 -0.32 -6.53 -3.85
CA HIS A 72 0.33 -7.79 -4.17
C HIS A 72 -0.67 -8.88 -3.78
N PHE A 73 -1.45 -9.34 -4.76
CA PHE A 73 -2.48 -10.36 -4.51
C PHE A 73 -1.83 -11.75 -4.38
N VAL A 74 -2.12 -12.44 -3.28
CA VAL A 74 -1.53 -13.76 -2.98
C VAL A 74 -2.52 -14.94 -3.13
N ALA A 75 -3.83 -14.64 -3.11
CA ALA A 75 -4.85 -15.68 -3.34
C ALA A 75 -6.19 -15.11 -3.72
N ILE A 76 -7.00 -15.99 -4.32
CA ILE A 76 -8.44 -15.73 -4.53
C ILE A 76 -9.24 -16.92 -4.03
N SER A 77 -10.38 -16.67 -3.38
CA SER A 77 -11.33 -17.74 -3.02
C SER A 77 -12.68 -17.47 -3.69
N THR A 78 -13.31 -18.51 -4.26
CA THR A 78 -14.70 -18.36 -4.80
C THR A 78 -15.64 -19.39 -4.20
N GLN A 79 -16.93 -19.07 -4.26
CA GLN A 79 -17.96 -19.88 -3.67
C GLN A 79 -19.18 -19.69 -4.57
N GLY A 80 -20.08 -20.65 -4.60
CA GLY A 80 -21.37 -20.41 -5.28
C GLY A 80 -22.34 -19.53 -4.47
N ARG A 81 -23.59 -19.56 -4.87
CA ARG A 81 -24.66 -18.79 -4.23
C ARG A 81 -25.25 -19.52 -3.01
N GLY A 82 -25.44 -18.79 -1.89
CA GLY A 82 -25.84 -19.42 -0.63
C GLY A 82 -27.31 -19.88 -0.58
N ASP A 83 -28.20 -19.20 -1.30
CA ASP A 83 -29.65 -19.42 -1.13
C ASP A 83 -30.37 -20.05 -2.34
N HIS A 84 -29.62 -20.47 -3.35
CA HIS A 84 -30.19 -21.15 -4.54
C HIS A 84 -29.10 -21.92 -5.26
N ASP A 85 -29.49 -22.94 -6.00
CA ASP A 85 -28.53 -23.79 -6.73
C ASP A 85 -27.93 -23.15 -8.00
N GLN A 86 -26.98 -22.22 -7.81
CA GLN A 86 -26.32 -21.50 -8.89
C GLN A 86 -24.87 -21.35 -8.45
N TRP A 87 -23.94 -21.61 -9.36
CA TRP A 87 -22.52 -21.39 -9.05
C TRP A 87 -21.70 -21.33 -10.33
N VAL A 88 -20.57 -20.62 -10.27
CA VAL A 88 -19.64 -20.57 -11.37
C VAL A 88 -18.71 -21.82 -11.31
N THR A 89 -18.60 -22.53 -12.42
CA THR A 89 -17.84 -23.77 -12.50
C THR A 89 -16.41 -23.60 -13.05
N SER A 90 -16.14 -22.51 -13.78
CA SER A 90 -14.76 -22.16 -14.20
C SER A 90 -14.70 -20.67 -14.53
N TYR A 91 -13.50 -20.07 -14.45
CA TYR A 91 -13.35 -18.67 -14.77
C TYR A 91 -11.91 -18.37 -15.18
N LYS A 92 -11.73 -17.20 -15.82
CA LYS A 92 -10.41 -16.67 -16.18
CA LYS A 92 -10.41 -16.67 -16.16
C LYS A 92 -10.17 -15.42 -15.31
N LEU A 93 -8.91 -15.02 -15.16
CA LEU A 93 -8.55 -13.79 -14.45
C LEU A 93 -7.75 -12.85 -15.38
N ARG A 94 -7.96 -11.55 -15.18
CA ARG A 94 -7.23 -10.48 -15.92
C ARG A 94 -6.88 -9.42 -14.90
N TYR A 95 -5.78 -8.71 -15.12
CA TYR A 95 -5.37 -7.66 -14.19
C TYR A 95 -4.58 -6.58 -14.91
N THR A 96 -4.39 -5.46 -14.23
CA THR A 96 -3.65 -4.29 -14.73
C THR A 96 -2.91 -3.62 -13.59
N LEU A 97 -1.66 -3.25 -13.86
CA LEU A 97 -0.89 -2.46 -12.91
C LEU A 97 -1.08 -0.93 -13.18
N ASP A 98 -1.10 -0.54 -14.45
CA ASP A 98 -1.20 0.89 -14.82
C ASP A 98 -2.61 1.43 -15.10
N ASN A 99 -3.60 0.53 -15.10
CA ASN A 99 -5.00 0.89 -15.46
C ASN A 99 -5.17 1.32 -16.94
N VAL A 100 -4.20 0.93 -17.78
CA VAL A 100 -4.24 1.14 -19.22
C VAL A 100 -4.07 -0.19 -19.94
N ASN A 101 -3.01 -0.90 -19.60
CA ASN A 101 -2.70 -2.20 -20.20
C ASN A 101 -3.10 -3.34 -19.26
N TRP A 102 -4.04 -4.15 -19.75
CA TRP A 102 -4.53 -5.36 -19.06
C TRP A 102 -3.84 -6.63 -19.55
N VAL A 103 -3.59 -7.51 -18.59
CA VAL A 103 -2.83 -8.75 -18.75
C VAL A 103 -3.73 -9.94 -18.38
N GLU A 104 -3.62 -11.02 -19.15
CA GLU A 104 -4.32 -12.29 -18.87
C GLU A 104 -3.52 -13.08 -17.86
N TYR A 105 -4.14 -13.53 -16.77
CA TYR A 105 -3.43 -14.35 -15.81
C TYR A 105 -3.01 -15.72 -16.38
N ASN A 106 -1.74 -16.05 -16.24
CA ASN A 106 -1.19 -17.35 -16.69
C ASN A 106 -1.64 -17.74 -18.09
N ASN A 107 -1.47 -16.79 -19.01
CA ASN A 107 -1.79 -16.98 -20.41
C ASN A 107 -3.25 -17.29 -20.72
N GLY A 108 -4.17 -16.77 -19.90
CA GLY A 108 -5.60 -17.04 -20.07
C GLY A 108 -6.04 -18.40 -19.52
N GLU A 109 -5.33 -18.89 -18.51
CA GLU A 109 -5.70 -20.14 -17.83
C GLU A 109 -7.16 -20.16 -17.43
N ILE A 110 -7.86 -21.23 -17.81
CA ILE A 110 -9.23 -21.45 -17.33
C ILE A 110 -9.16 -22.22 -16.01
N ILE A 111 -9.49 -21.53 -14.92
CA ILE A 111 -9.39 -22.06 -13.56
C ILE A 111 -10.64 -22.85 -13.21
N ASN A 112 -10.44 -24.07 -12.72
CA ASN A 112 -11.56 -24.90 -12.27
C ASN A 112 -12.11 -24.35 -10.94
N ALA A 113 -13.42 -24.15 -10.88
CA ALA A 113 -13.98 -23.47 -9.71
C ALA A 113 -14.99 -24.34 -8.96
N ASN A 114 -16.21 -23.85 -8.79
CA ASN A 114 -17.14 -24.43 -7.82
C ASN A 114 -18.02 -25.55 -8.37
N LYS A 115 -18.51 -26.38 -7.46
CA LYS A 115 -19.42 -27.49 -7.80
C LYS A 115 -20.63 -27.61 -6.87
N ASP A 116 -20.86 -26.57 -6.07
CA ASP A 116 -21.98 -26.55 -5.12
C ASP A 116 -22.20 -25.13 -4.60
N ARG A 117 -23.13 -24.95 -3.65
CA ARG A 117 -23.42 -23.62 -3.11
C ARG A 117 -22.31 -23.03 -2.23
N ASN A 118 -21.74 -23.86 -1.35
CA ASN A 118 -21.00 -23.34 -0.18
C ASN A 118 -19.51 -23.69 -0.02
N SER A 119 -19.02 -24.72 -0.72
CA SER A 119 -17.63 -25.10 -0.59
C SER A 119 -16.72 -24.06 -1.23
N ILE A 120 -15.69 -23.67 -0.49
CA ILE A 120 -14.74 -22.68 -0.96
C ILE A 120 -13.64 -23.31 -1.81
N VAL A 121 -13.35 -22.69 -2.94
CA VAL A 121 -12.23 -23.11 -3.79
C VAL A 121 -11.22 -21.98 -3.84
N THR A 122 -9.97 -22.29 -3.50
CA THR A 122 -8.94 -21.25 -3.34
C THR A 122 -7.76 -21.52 -4.27
N ILE A 123 -7.33 -20.49 -4.99
CA ILE A 123 -6.17 -20.55 -5.86
C ILE A 123 -5.13 -19.61 -5.27
N ASN A 124 -3.88 -20.08 -5.20
CA ASN A 124 -2.77 -19.27 -4.67
C ASN A 124 -1.88 -18.75 -5.79
N PHE A 125 -1.46 -17.50 -5.69
CA PHE A 125 -0.60 -16.89 -6.71
C PHE A 125 0.86 -16.86 -6.23
N ASN A 126 1.71 -17.60 -6.94
CA ASN A 126 3.15 -17.65 -6.69
CA ASN A 126 3.13 -17.45 -6.72
C ASN A 126 3.92 -17.38 -8.01
N PRO A 127 4.55 -16.20 -8.20
CA PRO A 127 4.62 -15.01 -7.34
C PRO A 127 3.26 -14.30 -7.25
N PRO A 128 3.11 -13.40 -6.28
CA PRO A 128 1.89 -12.57 -6.18
C PRO A 128 1.58 -11.83 -7.48
N ILE A 129 0.29 -11.60 -7.75
CA ILE A 129 -0.13 -10.71 -8.81
C ILE A 129 -0.01 -9.27 -8.31
N LYS A 130 0.81 -8.48 -9.00
CA LYS A 130 1.04 -7.06 -8.69
C LYS A 130 0.09 -6.19 -9.55
N ALA A 131 -0.87 -5.55 -8.91
CA ALA A 131 -1.98 -4.93 -9.67
C ALA A 131 -2.70 -3.84 -8.90
N ARG A 132 -3.25 -2.89 -9.65
CA ARG A 132 -4.18 -1.90 -9.14
C ARG A 132 -5.62 -2.41 -9.26
N SER A 133 -5.94 -3.06 -10.38
CA SER A 133 -7.28 -3.65 -10.58
C SER A 133 -7.18 -5.08 -11.08
N ILE A 134 -8.20 -5.86 -10.77
CA ILE A 134 -8.23 -7.27 -11.13
C ILE A 134 -9.69 -7.64 -11.44
N ALA A 135 -9.88 -8.57 -12.38
CA ALA A 135 -11.22 -8.94 -12.83
C ALA A 135 -11.36 -10.46 -12.91
N ILE A 136 -12.45 -10.95 -12.32
CA ILE A 136 -12.87 -12.36 -12.44
C ILE A 136 -13.87 -12.44 -13.61
N HIS A 137 -13.59 -13.37 -14.54
CA HIS A 137 -14.36 -13.55 -15.78
C HIS A 137 -14.91 -14.98 -15.86
N PRO A 138 -16.10 -15.21 -15.27
CA PRO A 138 -16.77 -16.52 -15.38
C PRO A 138 -16.85 -17.06 -16.83
N GLN A 139 -16.53 -18.34 -17.01
CA GLN A 139 -16.58 -18.97 -18.34
C GLN A 139 -17.71 -19.98 -18.45
N THR A 140 -17.92 -20.76 -17.39
CA THR A 140 -19.00 -21.75 -17.35
C THR A 140 -19.72 -21.68 -15.98
N TYR A 141 -20.92 -22.21 -15.90
CA TYR A 141 -21.75 -22.05 -14.70
C TYR A 141 -22.79 -23.16 -14.63
N ASN A 142 -23.21 -23.45 -13.40
CA ASN A 142 -24.40 -24.22 -13.15
C ASN A 142 -25.60 -23.30 -12.91
N ASN A 143 -26.58 -23.33 -13.83
CA ASN A 143 -27.85 -22.60 -13.72
C ASN A 143 -27.77 -21.08 -13.96
N HIS A 144 -26.81 -20.43 -13.32
CA HIS A 144 -26.66 -18.97 -13.45
C HIS A 144 -25.25 -18.58 -13.06
N ILE A 145 -24.81 -17.42 -13.59
CA ILE A 145 -23.53 -16.81 -13.18
C ILE A 145 -23.79 -16.12 -11.85
N SER A 146 -23.45 -16.84 -10.78
CA SER A 146 -23.65 -16.41 -9.40
C SER A 146 -22.43 -16.87 -8.59
N LEU A 147 -21.87 -15.95 -7.80
CA LEU A 147 -20.69 -16.24 -6.99
C LEU A 147 -20.56 -15.35 -5.75
N ARG A 148 -19.82 -15.90 -4.79
CA ARG A 148 -19.23 -15.12 -3.72
C ARG A 148 -17.71 -15.31 -3.80
N TRP A 149 -16.97 -14.37 -3.22
CA TRP A 149 -15.51 -14.33 -3.38
C TRP A 149 -14.80 -13.45 -2.36
N GLU A 150 -13.48 -13.68 -2.26
CA GLU A 150 -12.57 -12.81 -1.51
C GLU A 150 -11.22 -12.77 -2.21
N LEU A 151 -10.57 -11.61 -2.12
CA LEU A 151 -9.23 -11.42 -2.65
C LEU A 151 -8.31 -11.18 -1.46
N TYR A 152 -7.18 -11.87 -1.45
CA TYR A 152 -6.19 -11.78 -0.37
C TYR A 152 -4.90 -11.09 -0.87
N ALA A 153 -4.43 -10.11 -0.10
CA ALA A 153 -3.23 -9.31 -0.44
C ALA A 153 -2.24 -9.25 0.72
N LEU A 154 -0.97 -8.98 0.41
CA LEU A 154 0.00 -8.71 1.47
C LEU A 154 -0.40 -7.46 2.24
N PRO A 155 -0.14 -7.44 3.56
CA PRO A 155 -0.32 -6.18 4.30
C PRO A 155 0.67 -5.14 3.80
N VAL A 156 0.36 -3.86 4.04
CA VAL A 156 1.23 -2.75 3.65
C VAL A 156 2.42 -2.71 4.61
N LYS A 157 3.61 -2.49 4.07
CA LYS A 157 4.84 -2.41 4.86
C LYS A 157 4.86 -1.15 5.72
N SER A 158 5.50 -1.23 6.88
CA SER A 158 5.66 -0.08 7.77
C SER A 158 6.34 1.11 7.08
N TYR A 159 7.22 0.81 6.12
CA TYR A 159 8.02 1.83 5.43
C TYR A 159 7.37 2.50 4.20
N SER A 160 6.12 2.13 3.87
CA SER A 160 5.46 2.70 2.67
C SER A 160 4.75 4.05 2.89
N ASN A 161 4.61 4.80 1.80
CA ASN A 161 3.92 6.11 1.79
C ASN A 161 4.44 7.14 2.83
N PRO A 162 5.77 7.34 2.92
CA PRO A 162 6.28 8.28 3.95
C PRO A 162 5.99 9.73 3.60
N SER A 163 5.91 10.60 4.60
CA SER A 163 5.85 12.05 4.39
C SER A 163 7.26 12.65 4.49
N VAL A 164 7.53 13.70 3.70
CA VAL A 164 8.89 14.26 3.60
C VAL A 164 8.91 15.80 3.64
N GLN A 165 9.84 16.37 4.41
CA GLN A 165 10.17 17.80 4.30
C GLN A 165 11.70 17.96 4.22
N VAL A 166 12.13 19.03 3.56
CA VAL A 166 13.56 19.22 3.23
C VAL A 166 13.99 20.65 3.51
N GLY A 167 15.31 20.85 3.63
CA GLY A 167 15.82 22.19 3.82
C GLY A 167 17.32 22.18 3.97
N GLU A 168 17.90 23.34 4.25
CA GLU A 168 19.33 23.39 4.47
C GLU A 168 19.70 24.17 5.71
N VAL A 169 20.90 23.90 6.23
CA VAL A 169 21.35 24.53 7.44
C VAL A 169 22.88 24.71 7.39
N SER A 170 23.35 25.86 7.84
CA SER A 170 24.79 26.19 7.85
C SER A 170 25.19 26.75 9.22
N ILE A 171 26.49 26.78 9.51
CA ILE A 171 26.99 27.51 10.71
C ILE A 171 26.69 29.02 10.56
N GLY A 172 27.08 29.58 9.41
CA GLY A 172 26.69 30.95 9.04
C GLY A 172 27.51 32.01 9.76
N ASP A 173 28.47 31.57 10.59
CA ASP A 173 29.36 32.49 11.30
C ASP A 173 30.67 31.82 11.74
N ARG A 174 31.51 32.54 12.51
CA ARG A 174 32.85 32.02 12.84
C ARG A 174 32.93 31.26 14.19
N SER A 175 31.78 30.77 14.65
CA SER A 175 31.62 30.03 15.92
C SER A 175 32.60 28.88 16.13
N LEU A 176 32.96 28.18 15.04
CA LEU A 176 33.91 27.08 15.13
C LEU A 176 35.28 27.37 14.53
N ASN A 177 35.54 28.65 14.21
CA ASN A 177 36.73 29.05 13.46
C ASN A 177 37.99 29.35 14.28
N SER A 178 37.97 28.96 15.56
CA SER A 178 39.13 29.11 16.41
C SER A 178 38.98 28.19 17.62
N GLY A 179 40.08 28.03 18.36
CA GLY A 179 40.06 27.27 19.62
C GLY A 179 40.67 25.88 19.58
N THR A 180 40.63 25.22 20.74
CA THR A 180 41.28 23.92 20.92
C THR A 180 40.34 22.86 21.53
N GLY A 181 40.52 21.62 21.11
CA GLY A 181 39.75 20.48 21.62
C GLY A 181 38.35 20.40 21.02
N SER A 182 37.51 19.55 21.62
CA SER A 182 36.13 19.38 21.12
C SER A 182 35.32 20.68 21.29
N ARG A 183 34.81 21.18 20.16
CA ARG A 183 34.02 22.41 20.10
C ARG A 183 32.78 22.15 19.22
N THR A 184 31.61 22.53 19.73
CA THR A 184 30.34 22.29 19.02
C THR A 184 29.43 23.50 19.06
N ILE A 185 28.58 23.65 18.05
CA ILE A 185 27.51 24.65 18.08
C ILE A 185 26.22 24.02 17.56
N VAL A 186 25.10 24.57 17.97
CA VAL A 186 23.83 24.03 17.57
C VAL A 186 23.10 25.03 16.72
N ARG A 187 22.51 24.57 15.62
CA ARG A 187 21.56 25.38 14.87
C ARG A 187 20.18 24.74 14.96
N HIS A 188 19.21 25.44 15.56
N HIS A 188 19.21 25.48 15.51
CA HIS A 188 17.87 24.89 15.58
CA HIS A 188 17.83 25.02 15.67
C HIS A 188 17.17 25.15 14.28
C HIS A 188 17.07 25.19 14.34
N VAL A 189 16.55 24.09 13.77
CA VAL A 189 15.85 24.13 12.51
C VAL A 189 14.37 23.91 12.80
N LYS A 190 13.53 24.72 12.17
CA LYS A 190 12.07 24.58 12.26
C LYS A 190 11.56 24.06 10.91
N PHE A 191 10.87 22.92 10.93
CA PHE A 191 10.24 22.40 9.70
C PHE A 191 9.22 23.42 9.16
N PRO A 192 9.13 23.58 7.83
CA PRO A 192 8.12 24.51 7.31
C PRO A 192 6.71 24.21 7.87
N VAL A 193 6.36 22.92 7.99
CA VAL A 193 5.06 22.48 8.57
C VAL A 193 5.30 21.48 9.72
N GLU A 194 4.53 21.58 10.80
CA GLU A 194 4.64 20.60 11.88
C GLU A 194 4.15 19.19 11.47
N PHE A 195 4.92 18.15 11.81
CA PHE A 195 4.54 16.76 11.55
C PHE A 195 3.51 16.27 12.60
N LEU A 196 2.77 15.22 12.26
CA LEU A 196 1.84 14.58 13.21
C LEU A 196 2.53 13.63 14.19
N SER A 197 3.66 13.07 13.76
CA SER A 197 4.52 12.29 14.66
C SER A 197 5.99 12.66 14.37
N VAL A 198 6.89 12.21 15.24
CA VAL A 198 8.32 12.58 15.15
C VAL A 198 8.97 11.89 13.96
N PRO A 199 9.60 12.68 13.06
CA PRO A 199 10.23 12.07 11.90
C PRO A 199 11.67 11.62 12.19
N ILE A 200 12.32 11.03 11.19
CA ILE A 200 13.77 10.83 11.27
C ILE A 200 14.33 11.99 10.50
N VAL A 201 15.62 12.31 10.69
CA VAL A 201 16.23 13.40 9.92
C VAL A 201 17.58 12.95 9.35
N SER A 202 17.65 12.82 8.02
CA SER A 202 18.87 12.42 7.31
CA SER A 202 18.85 12.42 7.31
C SER A 202 19.59 13.67 6.79
N ILE A 203 20.93 13.65 6.86
CA ILE A 203 21.75 14.82 6.45
C ILE A 203 22.93 14.47 5.53
N GLY A 204 23.38 15.46 4.76
CA GLY A 204 24.52 15.28 3.85
C GLY A 204 25.18 16.63 3.60
N CYS A 205 26.52 16.65 3.67
CA CYS A 205 27.28 17.90 3.55
C CYS A 205 27.35 18.40 2.09
N LYS A 206 27.12 19.70 1.89
CA LYS A 206 27.29 20.27 0.55
C LYS A 206 28.21 21.52 0.53
N LYS A 207 28.85 21.80 1.66
CA LYS A 207 29.88 22.87 1.69
C LYS A 207 30.85 22.62 2.81
N VAL A 208 32.16 22.71 2.49
CA VAL A 208 33.21 22.73 3.49
C VAL A 208 34.10 23.97 3.27
N ASP A 209 34.31 24.73 4.36
CA ASP A 209 35.25 25.84 4.37
C ASP A 209 35.97 25.66 5.72
N ALA A 210 37.10 24.96 5.71
CA ALA A 210 37.78 24.59 6.97
C ALA A 210 39.29 24.45 6.81
N HIS A 211 40.00 24.73 7.88
CA HIS A 211 41.47 24.60 7.88
C HIS A 211 41.86 23.25 8.50
N THR A 212 42.83 22.56 7.89
CA THR A 212 43.41 21.38 8.52
C THR A 212 44.23 21.76 9.78
N ASP A 213 44.50 20.76 10.61
CA ASP A 213 45.28 20.87 11.84
C ASP A 213 46.48 19.94 11.67
N ASN A 214 47.63 20.53 11.36
CA ASN A 214 48.81 19.78 10.95
C ASN A 214 48.46 18.72 9.88
N GLY A 215 47.65 19.11 8.89
CA GLY A 215 47.24 18.16 7.82
C GLY A 215 45.99 17.32 8.08
N GLN A 216 45.51 17.26 9.33
CA GLN A 216 44.30 16.47 9.68
C GLN A 216 43.04 17.33 9.52
N MET A 217 42.10 16.85 8.71
CA MET A 217 40.75 17.44 8.61
C MET A 217 39.80 16.73 9.56
N ARG A 218 39.06 17.53 10.35
CA ARG A 218 38.06 17.03 11.30
C ARG A 218 36.77 17.88 11.26
N TRP A 219 35.66 17.26 10.84
CA TRP A 219 34.34 17.90 10.94
C TRP A 219 33.25 16.82 11.01
N GLU A 220 32.15 17.17 11.65
CA GLU A 220 31.00 16.28 11.73
C GLU A 220 29.73 17.10 11.89
N GLY A 221 28.63 16.54 11.41
CA GLY A 221 27.30 17.06 11.67
C GLY A 221 26.46 15.90 12.16
N LYS A 222 25.53 16.22 13.06
CA LYS A 222 24.44 15.28 13.34
C LYS A 222 23.12 15.97 13.68
N SER A 223 22.06 15.28 13.34
CA SER A 223 20.71 15.71 13.74
C SER A 223 20.35 15.09 15.10
N GLU A 224 19.76 15.91 15.99
CA GLU A 224 19.50 15.57 17.40
C GLU A 224 18.23 16.28 17.83
N ASN A 225 17.67 15.85 18.97
CA ASN A 225 16.54 16.57 19.58
C ASN A 225 15.41 16.80 18.59
N ILE A 226 15.10 15.74 17.82
CA ILE A 226 14.12 15.81 16.72
C ILE A 226 12.72 15.78 17.35
N THR A 227 11.86 16.69 16.93
CA THR A 227 10.47 16.69 17.40
C THR A 227 9.54 16.80 16.18
N THR A 228 8.24 16.89 16.44
CA THR A 228 7.28 17.12 15.37
C THR A 228 7.54 18.47 14.69
N LYS A 229 8.07 19.45 15.42
CA LYS A 229 8.23 20.84 14.97
C LYS A 229 9.61 21.16 14.33
N GLY A 230 10.63 20.42 14.74
CA GLY A 230 11.97 20.65 14.23
C GLY A 230 13.04 19.77 14.82
N PHE A 231 14.29 20.22 14.69
CA PHE A 231 15.41 19.48 15.22
C PHE A 231 16.63 20.39 15.39
N ASP A 232 17.68 19.85 15.99
CA ASP A 232 18.95 20.54 16.16
C ASP A 232 20.01 19.92 15.23
N LEU A 233 20.68 20.75 14.43
CA LEU A 233 21.88 20.32 13.71
C LEU A 233 23.05 20.74 14.60
N THR A 234 23.73 19.74 15.15
CA THR A 234 24.90 20.01 15.94
C THR A 234 26.12 19.89 15.02
N PHE A 235 26.89 20.97 14.94
CA PHE A 235 28.10 21.05 14.11
C PHE A 235 29.28 20.86 15.04
N ILE A 236 30.23 19.99 14.65
CA ILE A 236 31.25 19.50 15.56
C ILE A 236 32.63 19.59 14.90
N THR A 237 33.62 20.07 15.67
CA THR A 237 35.03 19.89 15.28
C THR A 237 35.80 19.55 16.55
N TRP A 238 37.04 19.10 16.39
CA TRP A 238 37.87 18.67 17.54
C TRP A 238 39.35 18.76 17.13
N GLY A 239 40.28 18.30 17.96
CA GLY A 239 41.66 18.73 17.77
C GLY A 239 41.76 20.24 17.73
N ASN A 240 42.63 20.76 16.88
CA ASN A 240 42.77 22.21 16.76
C ASN A 240 42.26 22.78 15.41
N ASN A 241 41.35 22.06 14.75
CA ASN A 241 40.82 22.55 13.48
C ASN A 241 40.02 23.85 13.61
N ALA A 242 40.24 24.76 12.66
CA ALA A 242 39.45 26.00 12.53
C ALA A 242 38.45 25.80 11.39
N VAL A 243 37.19 25.65 11.75
CA VAL A 243 36.10 25.47 10.77
C VAL A 243 35.42 26.82 10.52
N TYR A 244 35.55 27.32 9.28
CA TYR A 244 35.02 28.63 8.86
C TYR A 244 33.50 28.57 8.60
N ASP A 245 33.08 27.59 7.80
CA ASP A 245 31.64 27.33 7.58
C ASP A 245 31.41 25.86 7.15
N LEU A 246 30.20 25.35 7.39
CA LEU A 246 29.76 24.03 6.90
C LEU A 246 28.30 24.17 6.53
N THR A 247 27.88 23.48 5.47
CA THR A 247 26.44 23.44 5.07
C THR A 247 25.95 21.99 4.86
N PHE A 248 24.76 21.69 5.38
CA PHE A 248 24.09 20.40 5.14
C PHE A 248 22.70 20.62 4.51
N ASP A 249 22.34 19.72 3.59
CA ASP A 249 20.94 19.52 3.20
C ASP A 249 20.38 18.47 4.15
N TYR A 250 19.13 18.65 4.60
CA TYR A 250 18.51 17.65 5.45
C TYR A 250 17.26 17.13 4.75
N VAL A 251 16.94 15.85 5.00
CA VAL A 251 15.70 15.22 4.53
C VAL A 251 14.99 14.56 5.73
N ALA A 252 13.84 15.12 6.10
CA ALA A 252 13.12 14.64 7.29
C ALA A 252 11.98 13.77 6.79
N VAL A 253 11.92 12.54 7.29
CA VAL A 253 10.95 11.52 6.82
C VAL A 253 10.05 11.04 7.97
N GLU A 254 8.73 11.14 7.75
CA GLU A 254 7.73 10.66 8.71
C GLU A 254 7.05 9.40 8.17
N PHE A 255 7.08 8.32 8.95
CA PHE A 255 6.49 7.06 8.56
C PHE A 255 5.15 6.76 9.24
N ASN A 256 4.42 5.82 8.61
CA ASN A 256 3.21 5.19 9.18
CA ASN A 256 3.20 5.20 9.13
C ASN A 256 2.04 6.15 9.47
N ASN A 257 2.08 7.34 8.90
CA ASN A 257 1.03 8.35 9.18
C ASN A 257 0.22 8.75 7.95
#